data_5UB9
#
_entry.id   5UB9
#
_cell.length_a   65.697
_cell.length_b   79.926
_cell.length_c   91.006
_cell.angle_alpha   90.00
_cell.angle_beta   90.00
_cell.angle_gamma   90.00
#
_symmetry.space_group_name_H-M   'P 21 21 21'
#
loop_
_entity.id
_entity.type
_entity.pdbx_description
1 polymer 'ATP phosphoribosyltransferase'
2 non-polymer 'ZINC ION'
3 non-polymer 'ACETATE ION'
4 non-polymer 'CHLORIDE ION'
5 water water
#
_entity_poly.entity_id   1
_entity_poly.type   'polypeptide(L)'
_entity_poly.pdbx_seq_one_letter_code
;GMQENTRLRIAIQKSGRLSKESIELLSECGVKMHIHEQSLIAFSTNLPIDILRVRDDDIPGLIFDGVVDLGIIGENVLEE
NELERQSLGENPSYKLLKKLDFGYCRLSLALPQENKFQNLKDFEGLRIATSYPQLLKRFMKENGINYKNCTLTGSVEVAP
RANLADAICDLVSSGATLQANNLKEVKVIYESRACLIQKENALSKEKQALVDKIMLRVAGVMQARE
;
_entity_poly.pdbx_strand_id   A,B
#
loop_
_chem_comp.id
_chem_comp.type
_chem_comp.name
_chem_comp.formula
ACT non-polymer 'ACETATE ION' 'C2 H3 O2 -1'
CL non-polymer 'CHLORIDE ION' 'Cl -1'
ZN non-polymer 'ZINC ION' 'Zn 2'
#
# COMPACT_ATOMS: atom_id res chain seq x y z
N THR A 6 25.06 -13.09 2.18
CA THR A 6 25.83 -13.76 1.06
C THR A 6 25.00 -14.84 0.29
N ARG A 7 23.79 -15.09 0.76
CA ARG A 7 22.85 -15.92 0.00
C ARG A 7 22.11 -14.96 -0.94
N LEU A 8 21.68 -15.44 -2.10
CA LEU A 8 20.89 -14.59 -3.01
C LEU A 8 19.46 -14.43 -2.49
N ARG A 9 18.96 -13.20 -2.42
CA ARG A 9 17.61 -12.95 -1.94
C ARG A 9 16.70 -12.59 -3.11
N ILE A 10 15.58 -13.29 -3.25
CA ILE A 10 14.63 -13.05 -4.32
C ILE A 10 13.27 -12.77 -3.70
N ALA A 11 12.69 -11.61 -4.01
CA ALA A 11 11.37 -11.23 -3.50
C ALA A 11 10.33 -11.55 -4.55
N ILE A 12 9.27 -12.22 -4.10
CA ILE A 12 8.12 -12.57 -4.93
C ILE A 12 6.82 -12.28 -4.18
N GLN A 13 5.72 -12.14 -4.92
CA GLN A 13 4.42 -11.89 -4.33
C GLN A 13 4.00 -13.07 -3.48
N LYS A 14 3.52 -12.79 -2.28
CA LYS A 14 3.13 -13.83 -1.36
C LYS A 14 1.86 -14.56 -1.84
N SER A 15 0.87 -13.82 -2.27
CA SER A 15 -0.36 -14.43 -2.74
C SER A 15 -1.07 -13.38 -3.57
N GLY A 16 -1.52 -13.77 -4.75
CA GLY A 16 -2.14 -12.81 -5.67
C GLY A 16 -1.89 -13.16 -7.12
N ARG A 17 -1.97 -12.15 -7.98
CA ARG A 17 -1.98 -12.35 -9.43
C ARG A 17 -0.73 -13.07 -9.98
N LEU A 18 0.42 -12.92 -9.31
CA LEU A 18 1.71 -13.44 -9.76
C LEU A 18 2.33 -14.51 -8.86
N SER A 19 1.72 -14.83 -7.71
CA SER A 19 2.39 -15.63 -6.70
C SER A 19 2.72 -17.07 -7.22
N LYS A 20 1.70 -17.76 -7.69
CA LYS A 20 1.82 -19.13 -8.23
C LYS A 20 2.82 -19.23 -9.40
N GLU A 21 2.68 -18.32 -10.35
N GLU A 21 2.69 -18.32 -10.33
CA GLU A 21 3.49 -18.25 -11.56
CA GLU A 21 3.50 -18.30 -11.54
C GLU A 21 4.95 -17.93 -11.22
C GLU A 21 4.96 -17.92 -11.22
N SER A 22 5.19 -17.15 -10.14
CA SER A 22 6.55 -16.80 -9.73
C SER A 22 7.28 -17.99 -9.12
N ILE A 23 6.64 -18.68 -8.20
CA ILE A 23 7.22 -19.88 -7.66
C ILE A 23 7.39 -20.93 -8.75
N GLU A 24 6.40 -21.04 -9.64
CA GLU A 24 6.54 -21.94 -10.77
C GLU A 24 7.72 -21.59 -11.67
N LEU A 25 7.93 -20.33 -11.98
CA LEU A 25 9.09 -19.98 -12.79
C LEU A 25 10.37 -20.45 -12.08
N LEU A 26 10.46 -20.24 -10.78
CA LEU A 26 11.70 -20.61 -10.12
C LEU A 26 11.94 -22.16 -10.23
N SER A 27 10.90 -22.95 -10.05
CA SER A 27 10.98 -24.43 -10.18
C SER A 27 11.42 -24.85 -11.58
N GLU A 28 10.81 -24.20 -12.57
CA GLU A 28 11.09 -24.45 -13.99
C GLU A 28 12.54 -24.18 -14.31
N CYS A 29 13.12 -23.21 -13.59
CA CYS A 29 14.50 -22.85 -13.73
C CYS A 29 15.46 -23.67 -12.88
N GLY A 30 15.01 -24.75 -12.29
CA GLY A 30 15.90 -25.58 -11.48
C GLY A 30 16.08 -25.13 -10.02
N VAL A 31 15.31 -24.16 -9.55
CA VAL A 31 15.39 -23.78 -8.13
C VAL A 31 14.35 -24.58 -7.34
N LYS A 32 14.80 -25.59 -6.60
CA LYS A 32 13.87 -26.36 -5.78
C LYS A 32 13.74 -25.65 -4.46
N MET A 33 12.58 -25.72 -3.87
CA MET A 33 12.36 -25.00 -2.63
C MET A 33 11.25 -25.72 -1.90
N HIS A 34 11.20 -25.55 -0.57
CA HIS A 34 10.10 -26.06 0.22
C HIS A 34 9.42 -24.83 0.76
N ILE A 35 8.09 -24.86 0.78
CA ILE A 35 7.31 -23.83 1.46
C ILE A 35 6.63 -24.56 2.62
N HIS A 36 7.08 -24.29 3.83
CA HIS A 36 6.62 -24.99 5.03
C HIS A 36 5.44 -24.31 5.72
N GLU A 37 5.28 -23.03 5.46
CA GLU A 37 4.25 -22.24 6.09
C GLU A 37 4.00 -21.01 5.26
N GLN A 38 2.87 -20.34 5.49
CA GLN A 38 2.61 -19.06 4.84
C GLN A 38 3.18 -17.89 5.62
N SER A 39 4.47 -17.70 5.43
CA SER A 39 5.24 -16.71 6.12
C SER A 39 6.12 -15.97 5.10
N LEU A 40 6.89 -15.02 5.61
CA LEU A 40 7.75 -14.18 4.83
C LEU A 40 8.90 -14.95 4.15
N ILE A 41 9.52 -15.96 4.77
CA ILE A 41 10.74 -16.49 4.13
C ILE A 41 10.59 -17.99 3.87
N ALA A 42 11.21 -18.39 2.76
CA ALA A 42 11.29 -19.77 2.30
C ALA A 42 12.70 -19.87 1.71
N PHE A 43 13.23 -21.08 1.61
CA PHE A 43 14.60 -21.29 1.16
C PHE A 43 14.62 -22.34 0.09
N SER A 44 15.55 -22.17 -0.84
CA SER A 44 15.87 -23.22 -1.78
C SER A 44 16.51 -24.44 -1.08
N THR A 45 16.24 -25.61 -1.61
CA THR A 45 16.83 -26.83 -1.10
C THR A 45 18.12 -27.23 -1.84
N ASN A 46 18.31 -26.69 -3.05
CA ASN A 46 19.48 -27.09 -3.84
C ASN A 46 20.47 -26.01 -4.14
N LEU A 47 20.07 -24.76 -3.87
CA LEU A 47 20.85 -23.57 -4.15
C LEU A 47 20.77 -22.59 -2.99
N PRO A 48 21.79 -21.71 -2.86
CA PRO A 48 21.86 -20.78 -1.72
C PRO A 48 21.01 -19.52 -2.01
N ILE A 49 19.69 -19.72 -1.94
CA ILE A 49 18.72 -18.70 -2.27
C ILE A 49 17.67 -18.60 -1.14
N ASP A 50 17.40 -17.37 -0.75
CA ASP A 50 16.31 -17.04 0.14
C ASP A 50 15.18 -16.50 -0.73
N ILE A 51 13.95 -16.93 -0.46
CA ILE A 51 12.82 -16.52 -1.22
C ILE A 51 11.94 -15.74 -0.25
N LEU A 52 11.83 -14.45 -0.48
CA LEU A 52 10.99 -13.58 0.40
C LEU A 52 9.63 -13.38 -0.22
N ARG A 53 8.59 -13.72 0.52
CA ARG A 53 7.23 -13.66 0.01
C ARG A 53 6.53 -12.50 0.70
N VAL A 54 6.26 -11.47 -0.09
CA VAL A 54 5.80 -10.19 0.37
C VAL A 54 4.63 -9.69 -0.46
N ARG A 55 4.04 -8.59 0.01
CA ARG A 55 3.05 -7.86 -0.76
C ARG A 55 3.66 -7.30 -2.02
N ASP A 56 2.96 -7.44 -3.14
CA ASP A 56 3.56 -7.02 -4.41
C ASP A 56 4.08 -5.56 -4.38
N ASP A 57 3.29 -4.69 -3.78
CA ASP A 57 3.58 -3.27 -3.75
C ASP A 57 4.89 -2.93 -3.08
N ASP A 58 5.40 -3.84 -2.22
CA ASP A 58 6.67 -3.65 -1.52
C ASP A 58 7.89 -4.03 -2.33
N ILE A 59 7.70 -4.83 -3.37
CA ILE A 59 8.85 -5.39 -4.12
C ILE A 59 9.72 -4.32 -4.78
N PRO A 60 9.10 -3.33 -5.50
CA PRO A 60 9.97 -2.29 -6.05
C PRO A 60 10.86 -1.62 -5.05
N GLY A 61 10.29 -1.22 -3.93
CA GLY A 61 11.02 -0.59 -2.84
C GLY A 61 12.13 -1.45 -2.29
N LEU A 62 11.88 -2.76 -2.15
CA LEU A 62 12.91 -3.64 -1.59
C LEU A 62 14.12 -3.67 -2.52
N ILE A 63 13.85 -3.60 -3.83
CA ILE A 63 14.92 -3.59 -4.85
C ILE A 63 15.61 -2.23 -4.87
N PHE A 64 14.84 -1.14 -4.90
CA PHE A 64 15.42 0.21 -4.92
C PHE A 64 16.31 0.41 -3.70
N ASP A 65 15.84 -0.12 -2.55
CA ASP A 65 16.57 0.04 -1.29
C ASP A 65 17.67 -1.01 -1.04
N GLY A 66 17.84 -1.95 -1.98
CA GLY A 66 18.89 -2.95 -1.92
C GLY A 66 18.69 -3.98 -0.83
N VAL A 67 17.45 -4.11 -0.34
CA VAL A 67 17.12 -5.09 0.69
C VAL A 67 17.20 -6.50 0.14
N VAL A 68 16.77 -6.68 -1.09
CA VAL A 68 16.86 -7.96 -1.77
C VAL A 68 17.65 -7.78 -3.08
N ASP A 69 18.02 -8.91 -3.68
CA ASP A 69 18.86 -8.89 -4.86
C ASP A 69 18.06 -8.88 -6.14
N LEU A 70 17.06 -9.75 -6.20
CA LEU A 70 16.21 -9.89 -7.35
C LEU A 70 14.75 -9.76 -6.90
N GLY A 71 13.91 -9.39 -7.85
CA GLY A 71 12.48 -9.36 -7.64
C GLY A 71 11.68 -9.74 -8.85
N ILE A 72 10.57 -10.43 -8.63
CA ILE A 72 9.65 -10.67 -9.73
C ILE A 72 8.42 -9.84 -9.49
N ILE A 73 8.06 -8.99 -10.45
CA ILE A 73 7.05 -7.95 -10.20
C ILE A 73 6.44 -7.45 -11.48
N GLY A 74 5.16 -7.10 -11.40
CA GLY A 74 4.49 -6.52 -12.55
C GLY A 74 5.04 -5.14 -12.85
N GLU A 75 5.22 -4.84 -14.15
CA GLU A 75 5.67 -3.55 -14.65
C GLU A 75 4.85 -2.38 -14.16
N ASN A 76 3.54 -2.58 -14.06
CA ASN A 76 2.68 -1.54 -13.54
C ASN A 76 3.04 -1.13 -12.09
N VAL A 77 3.30 -2.14 -11.27
CA VAL A 77 3.59 -1.91 -9.83
C VAL A 77 4.99 -1.27 -9.71
N LEU A 78 5.93 -1.81 -10.48
CA LEU A 78 7.28 -1.26 -10.57
C LEU A 78 7.23 0.23 -11.00
N GLU A 79 6.51 0.53 -12.08
CA GLU A 79 6.46 1.89 -12.58
C GLU A 79 5.76 2.87 -11.61
N GLU A 80 4.62 2.45 -11.05
CA GLU A 80 3.93 3.25 -10.05
C GLU A 80 4.87 3.69 -8.92
N ASN A 81 5.60 2.71 -8.38
CA ASN A 81 6.50 3.00 -7.25
C ASN A 81 7.75 3.74 -7.62
N GLU A 82 8.31 3.45 -8.79
CA GLU A 82 9.38 4.29 -9.34
C GLU A 82 8.97 5.79 -9.42
N LEU A 83 7.83 6.05 -10.04
CA LEU A 83 7.32 7.42 -10.15
C LEU A 83 7.09 8.05 -8.79
N GLU A 84 6.51 7.27 -7.88
CA GLU A 84 6.31 7.73 -6.51
C GLU A 84 7.62 8.16 -5.86
N ARG A 85 8.61 7.27 -5.86
CA ARG A 85 9.90 7.57 -5.28
C ARG A 85 10.61 8.77 -5.95
N GLN A 86 10.60 8.84 -7.28
CA GLN A 86 11.13 10.01 -7.97
C GLN A 86 10.41 11.29 -7.58
N SER A 87 9.08 11.24 -7.44
CA SER A 87 8.29 12.40 -7.03
C SER A 87 8.57 12.84 -5.59
N LEU A 88 9.06 11.94 -4.77
CA LEU A 88 9.52 12.24 -3.42
C LEU A 88 10.93 12.87 -3.38
N GLY A 89 11.57 13.05 -4.53
CA GLY A 89 12.92 13.56 -4.58
C GLY A 89 13.98 12.48 -4.46
N GLU A 90 13.59 11.22 -4.59
CA GLU A 90 14.57 10.14 -4.46
C GLU A 90 15.01 9.72 -5.84
N ASN A 91 15.97 8.83 -5.90
CA ASN A 91 16.55 8.35 -7.15
C ASN A 91 16.45 6.79 -7.18
N PRO A 92 15.24 6.27 -7.30
CA PRO A 92 15.10 4.80 -7.39
C PRO A 92 15.80 4.29 -8.63
N SER A 93 16.49 3.15 -8.47
CA SER A 93 17.31 2.62 -9.54
C SER A 93 17.15 1.09 -9.53
N TYR A 94 17.20 0.46 -10.71
CA TYR A 94 17.11 -1.03 -10.78
C TYR A 94 17.62 -1.44 -12.17
N LYS A 95 18.02 -2.72 -12.25
CA LYS A 95 18.32 -3.39 -13.50
C LYS A 95 17.11 -4.20 -13.94
N LEU A 96 16.70 -4.09 -15.21
CA LEU A 96 15.65 -4.95 -15.77
C LEU A 96 16.38 -6.13 -16.42
N LEU A 97 16.21 -7.32 -15.88
CA LEU A 97 16.87 -8.50 -16.43
C LEU A 97 16.05 -9.14 -17.53
N LYS A 98 14.75 -9.26 -17.33
CA LYS A 98 13.92 -9.94 -18.29
C LYS A 98 12.46 -9.59 -18.14
N LYS A 99 11.78 -9.45 -19.29
CA LYS A 99 10.34 -9.33 -19.31
C LYS A 99 9.82 -10.76 -19.50
N LEU A 100 8.87 -11.13 -18.66
CA LEU A 100 8.53 -12.52 -18.53
C LEU A 100 7.28 -12.83 -19.27
N ASP A 101 6.96 -14.12 -19.28
N ASP A 101 6.90 -14.09 -19.33
CA ASP A 101 5.90 -14.69 -20.08
CA ASP A 101 5.78 -14.46 -20.18
C ASP A 101 4.65 -14.94 -19.25
C ASP A 101 4.54 -14.79 -19.39
N PHE A 102 4.32 -14.00 -18.35
CA PHE A 102 3.11 -14.07 -17.51
C PHE A 102 2.85 -12.71 -16.85
N GLY A 103 1.74 -12.61 -16.10
CA GLY A 103 1.33 -11.36 -15.45
C GLY A 103 0.79 -10.32 -16.42
N TYR A 104 0.38 -10.77 -17.61
CA TYR A 104 -0.12 -9.83 -18.62
C TYR A 104 -1.39 -9.16 -18.08
N CYS A 105 -1.43 -7.84 -18.13
CA CYS A 105 -2.56 -7.06 -17.65
C CYS A 105 -2.43 -5.62 -18.20
N ARG A 106 -3.51 -4.86 -18.05
CA ARG A 106 -3.65 -3.58 -18.68
C ARG A 106 -4.25 -2.60 -17.68
N LEU A 107 -3.69 -1.41 -17.61
CA LEU A 107 -4.26 -0.36 -16.79
C LEU A 107 -5.09 0.51 -17.70
N SER A 108 -6.41 0.49 -17.49
CA SER A 108 -7.36 1.11 -18.44
C SER A 108 -8.26 2.10 -17.75
N LEU A 109 -8.41 3.24 -18.37
CA LEU A 109 -9.55 4.08 -18.08
C LEU A 109 -10.84 3.37 -18.51
N ALA A 110 -11.82 3.38 -17.63
CA ALA A 110 -13.05 2.69 -17.87
C ALA A 110 -14.15 3.54 -17.31
N LEU A 111 -15.32 3.41 -17.93
CA LEU A 111 -16.50 4.16 -17.57
C LEU A 111 -17.69 3.17 -17.31
N PRO A 112 -18.70 3.65 -16.59
CA PRO A 112 -19.92 2.86 -16.50
C PRO A 112 -20.49 2.56 -17.89
N GLN A 113 -21.01 1.34 -18.06
CA GLN A 113 -21.52 0.89 -19.36
C GLN A 113 -22.56 1.83 -19.94
N GLU A 114 -23.38 2.45 -19.12
CA GLU A 114 -24.41 3.37 -19.62
C GLU A 114 -23.86 4.70 -20.19
N ASN A 115 -22.62 5.05 -19.87
CA ASN A 115 -22.05 6.33 -20.28
C ASN A 115 -21.81 6.40 -21.77
N LYS A 116 -22.03 7.59 -22.34
CA LYS A 116 -21.67 7.91 -23.73
C LYS A 116 -20.23 8.44 -23.77
N PHE A 117 -19.29 7.62 -24.23
CA PHE A 117 -17.92 8.06 -24.47
C PHE A 117 -17.72 8.51 -25.91
N ASN A 119 -14.67 11.00 -26.53
CA ASN A 119 -13.20 11.10 -26.52
C ASN A 119 -12.56 11.29 -25.14
N LEU A 120 -11.25 11.05 -25.04
CA LEU A 120 -10.54 11.20 -23.75
C LEU A 120 -10.95 12.47 -22.99
N LYS A 121 -11.28 13.56 -23.70
CA LYS A 121 -11.73 14.80 -23.03
C LYS A 121 -13.05 14.57 -22.30
N ASP A 122 -13.74 13.46 -22.59
CA ASP A 122 -14.91 13.01 -21.80
C ASP A 122 -14.51 12.72 -20.37
N PHE A 123 -13.20 12.52 -20.11
CA PHE A 123 -12.72 12.39 -18.74
C PHE A 123 -12.48 13.74 -18.05
N GLU A 124 -12.67 14.85 -18.76
CA GLU A 124 -12.30 16.16 -18.21
C GLU A 124 -13.10 16.48 -16.99
N GLY A 125 -12.43 16.85 -15.92
CA GLY A 125 -13.10 17.22 -14.68
C GLY A 125 -13.66 16.05 -13.87
N LEU A 126 -13.58 14.81 -14.39
CA LEU A 126 -14.19 13.64 -13.69
C LEU A 126 -13.36 13.21 -12.50
N ARG A 127 -14.01 12.63 -11.51
CA ARG A 127 -13.36 12.00 -10.39
C ARG A 127 -13.05 10.57 -10.84
N ILE A 128 -11.77 10.17 -10.70
CA ILE A 128 -11.30 8.92 -11.24
C ILE A 128 -10.66 8.16 -10.09
N ALA A 129 -11.24 7.00 -9.76
CA ALA A 129 -10.72 6.10 -8.71
C ALA A 129 -9.67 5.21 -9.28
N THR A 130 -8.63 5.00 -8.47
CA THR A 130 -7.51 4.16 -8.91
C THR A 130 -6.64 3.71 -7.75
N SER A 131 -5.95 2.58 -7.97
CA SER A 131 -4.89 2.17 -7.08
C SER A 131 -3.51 2.64 -7.61
N TYR A 132 -3.48 3.28 -8.76
CA TYR A 132 -2.20 3.68 -9.43
C TYR A 132 -2.23 5.18 -9.73
N PRO A 133 -2.30 5.97 -8.67
CA PRO A 133 -2.45 7.40 -8.86
C PRO A 133 -1.30 8.10 -9.58
N GLN A 134 -0.10 7.59 -9.45
CA GLN A 134 1.02 8.18 -10.21
C GLN A 134 0.94 7.88 -11.67
N LEU A 135 0.62 6.65 -12.02
CA LEU A 135 0.45 6.27 -13.46
C LEU A 135 -0.70 7.08 -14.09
N LEU A 136 -1.77 7.28 -13.33
CA LEU A 136 -2.93 8.02 -13.81
C LEU A 136 -2.49 9.47 -14.03
N LYS A 137 -1.92 10.07 -13.01
CA LYS A 137 -1.44 11.48 -13.05
C LYS A 137 -0.57 11.75 -14.24
N ARG A 138 0.39 10.88 -14.49
CA ARG A 138 1.32 11.06 -15.61
C ARG A 138 0.61 11.04 -16.96
N PHE A 139 -0.21 10.00 -17.19
CA PHE A 139 -1.00 9.88 -18.40
C PHE A 139 -1.87 11.11 -18.61
N MET A 140 -2.55 11.55 -17.55
CA MET A 140 -3.49 12.69 -17.69
C MET A 140 -2.77 14.01 -17.96
N LYS A 141 -1.60 14.18 -17.35
CA LYS A 141 -0.77 15.33 -17.64
C LYS A 141 -0.26 15.28 -19.09
N GLU A 142 0.26 14.14 -19.53
CA GLU A 142 0.73 14.06 -20.92
C GLU A 142 -0.36 14.39 -21.91
N ASN A 143 -1.60 14.03 -21.58
CA ASN A 143 -2.74 14.24 -22.48
C ASN A 143 -3.54 15.49 -22.20
N GLY A 144 -3.02 16.36 -21.33
CA GLY A 144 -3.68 17.60 -21.00
C GLY A 144 -5.12 17.52 -20.54
N ILE A 145 -5.48 16.51 -19.76
CA ILE A 145 -6.85 16.37 -19.25
C ILE A 145 -6.81 16.57 -17.76
N ASN A 146 -7.56 17.54 -17.25
CA ASN A 146 -7.66 17.74 -15.80
C ASN A 146 -8.69 16.79 -15.16
N TYR A 147 -8.41 16.32 -13.96
CA TYR A 147 -9.29 15.35 -13.30
C TYR A 147 -9.14 15.46 -11.79
N LYS A 148 -10.02 14.80 -11.07
CA LYS A 148 -9.99 14.73 -9.61
C LYS A 148 -9.55 13.34 -9.19
N ASN A 149 -8.51 13.22 -8.35
CA ASN A 149 -8.05 11.92 -7.91
C ASN A 149 -8.83 11.26 -6.78
N CYS A 150 -8.93 9.94 -6.87
CA CYS A 150 -9.48 9.11 -5.79
C CYS A 150 -8.63 7.86 -5.68
N THR A 151 -7.80 7.79 -4.64
CA THR A 151 -6.90 6.64 -4.48
C THR A 151 -7.55 5.60 -3.56
N LEU A 152 -7.75 4.40 -4.10
CA LEU A 152 -8.28 3.26 -3.39
C LEU A 152 -7.36 2.09 -3.66
N THR A 153 -7.02 1.39 -2.58
CA THR A 153 -6.13 0.25 -2.66
C THR A 153 -6.92 -0.96 -3.15
N GLY A 154 -8.21 -0.97 -2.90
CA GLY A 154 -9.07 -2.10 -3.27
C GLY A 154 -10.46 -1.59 -3.61
N SER A 155 -11.25 -2.47 -4.19
CA SER A 155 -12.68 -2.18 -4.53
C SER A 155 -12.81 -1.03 -5.50
N VAL A 156 -11.76 -0.83 -6.32
CA VAL A 156 -11.77 0.27 -7.29
C VAL A 156 -13.00 0.20 -8.23
N GLU A 157 -13.25 -1.01 -8.75
CA GLU A 157 -14.35 -1.27 -9.68
C GLU A 157 -15.74 -0.94 -9.08
N VAL A 158 -15.86 -0.83 -7.74
CA VAL A 158 -17.14 -0.48 -7.05
C VAL A 158 -17.32 1.00 -6.84
N ALA A 159 -16.24 1.78 -6.97
CA ALA A 159 -16.30 3.22 -6.70
C ALA A 159 -17.42 4.01 -7.43
N PRO A 160 -17.60 3.80 -8.77
CA PRO A 160 -18.72 4.52 -9.46
C PRO A 160 -20.11 4.11 -9.02
N ARG A 161 -20.35 2.80 -8.87
CA ARG A 161 -21.67 2.30 -8.41
C ARG A 161 -21.97 2.79 -6.98
N ALA A 162 -20.91 3.09 -6.23
CA ALA A 162 -21.02 3.70 -4.88
C ALA A 162 -21.05 5.23 -4.90
N ASN A 163 -21.15 5.81 -6.09
CA ASN A 163 -21.03 7.25 -6.30
C ASN A 163 -19.89 7.94 -5.54
N LEU A 164 -18.75 7.24 -5.46
CA LEU A 164 -17.55 7.83 -4.92
C LEU A 164 -16.68 8.45 -6.03
N ALA A 165 -16.87 8.00 -7.27
CA ALA A 165 -16.14 8.51 -8.45
C ALA A 165 -16.96 8.32 -9.71
N ASP A 166 -16.54 8.95 -10.79
CA ASP A 166 -17.27 8.96 -12.05
C ASP A 166 -16.75 7.91 -13.02
N ALA A 167 -15.50 7.60 -12.83
CA ALA A 167 -14.76 6.71 -13.67
C ALA A 167 -13.61 6.07 -12.89
N ILE A 168 -12.99 5.09 -13.50
CA ILE A 168 -11.88 4.41 -12.85
C ILE A 168 -10.69 4.22 -13.78
N CYS A 169 -9.51 4.05 -13.20
CA CYS A 169 -8.32 3.67 -13.92
C CYS A 169 -8.02 2.34 -13.23
N ASP A 170 -8.32 1.24 -13.90
CA ASP A 170 -8.35 -0.10 -13.33
C ASP A 170 -7.44 -1.11 -13.97
N LEU A 171 -6.82 -1.95 -13.17
CA LEU A 171 -5.97 -2.95 -13.72
C LEU A 171 -6.83 -4.16 -14.09
N VAL A 172 -6.80 -4.55 -15.35
CA VAL A 172 -7.49 -5.74 -15.79
C VAL A 172 -6.53 -6.81 -16.32
N SER A 173 -6.76 -8.07 -15.92
CA SER A 173 -5.92 -9.22 -16.29
C SER A 173 -6.28 -9.71 -17.73
N SER A 174 -5.24 -10.13 -18.46
CA SER A 174 -5.41 -10.91 -19.68
C SER A 174 -6.27 -12.14 -19.41
N GLY A 175 -7.28 -12.33 -20.22
CA GLY A 175 -8.28 -13.39 -20.00
C GLY A 175 -9.52 -12.94 -19.24
N ALA A 176 -9.53 -11.70 -18.76
CA ALA A 176 -10.66 -11.18 -17.98
C ALA A 176 -11.23 -9.94 -18.64
N THR A 177 -12.48 -9.64 -18.32
CA THR A 177 -13.18 -8.44 -18.86
C THR A 177 -13.94 -7.75 -17.71
N LEU A 178 -14.50 -6.58 -18.02
CA LEU A 178 -15.22 -5.73 -17.04
C LEU A 178 -16.74 -5.75 -17.21
N GLN A 179 -17.22 -6.44 -18.26
CA GLN A 179 -18.64 -6.65 -18.48
C GLN A 179 -19.42 -7.06 -17.23
N ALA A 180 -18.85 -7.92 -16.37
CA ALA A 180 -19.57 -8.44 -15.18
C ALA A 180 -19.76 -7.31 -14.14
N ASN A 181 -18.79 -6.43 -14.05
CA ASN A 181 -18.83 -5.29 -13.16
C ASN A 181 -19.60 -4.13 -13.82
N ASN A 182 -20.20 -4.35 -14.99
CA ASN A 182 -20.96 -3.30 -15.69
C ASN A 182 -20.14 -2.07 -16.12
N LEU A 183 -18.87 -2.28 -16.49
CA LEU A 183 -17.97 -1.19 -16.95
C LEU A 183 -17.43 -1.46 -18.35
N LYS A 184 -17.01 -0.39 -19.03
CA LYS A 184 -16.42 -0.50 -20.36
C LYS A 184 -15.03 0.10 -20.34
N GLU A 185 -14.01 -0.68 -20.74
CA GLU A 185 -12.69 -0.10 -21.02
C GLU A 185 -12.77 0.86 -22.20
N VAL A 186 -12.19 2.03 -22.00
CA VAL A 186 -12.15 3.07 -23.03
C VAL A 186 -10.73 3.33 -23.58
N LYS A 187 -9.76 3.30 -22.69
CA LYS A 187 -8.38 3.58 -23.08
C LYS A 187 -7.42 2.82 -22.23
N VAL A 188 -6.55 2.02 -22.84
CA VAL A 188 -5.44 1.40 -22.12
C VAL A 188 -4.38 2.52 -21.95
N ILE A 189 -3.97 2.81 -20.72
CA ILE A 189 -2.90 3.77 -20.46
C ILE A 189 -1.55 3.10 -20.19
N TYR A 190 -1.54 1.80 -19.85
CA TYR A 190 -0.27 1.15 -19.54
C TYR A 190 -0.48 -0.33 -19.79
N GLU A 191 0.45 -0.97 -20.49
CA GLU A 191 0.39 -2.41 -20.72
C GLU A 191 1.49 -3.06 -19.88
N SER A 192 1.16 -4.11 -19.16
CA SER A 192 2.11 -4.61 -18.21
C SER A 192 2.24 -6.11 -18.30
N ARG A 193 3.44 -6.60 -17.98
CA ARG A 193 3.67 -8.02 -17.75
C ARG A 193 4.60 -8.15 -16.56
N ALA A 194 4.71 -9.36 -16.05
CA ALA A 194 5.73 -9.60 -15.02
C ALA A 194 7.16 -9.46 -15.57
N CYS A 195 8.05 -8.98 -14.69
N CYS A 195 8.05 -8.96 -14.73
CA CYS A 195 9.45 -8.73 -14.98
CA CYS A 195 9.45 -8.82 -15.10
C CYS A 195 10.33 -9.27 -13.89
C CYS A 195 10.34 -9.17 -13.93
N LEU A 196 11.55 -9.58 -14.26
CA LEU A 196 12.58 -9.93 -13.28
C LEU A 196 13.54 -8.77 -13.26
N ILE A 197 13.73 -8.21 -12.08
CA ILE A 197 14.60 -7.05 -11.84
C ILE A 197 15.62 -7.36 -10.77
N GLN A 198 16.69 -6.57 -10.76
CA GLN A 198 17.80 -6.74 -9.84
C GLN A 198 18.13 -5.41 -9.21
N LYS A 199 18.63 -5.42 -7.99
CA LYS A 199 19.11 -4.17 -7.37
C LYS A 199 20.30 -3.56 -8.13
N GLU A 200 20.51 -2.27 -7.90
CA GLU A 200 21.45 -1.53 -8.69
C GLU A 200 22.88 -1.79 -8.32
N ASN A 201 23.20 -1.92 -7.05
CA ASN A 201 24.58 -2.10 -6.66
C ASN A 201 25.10 -3.45 -7.02
N ALA A 202 26.36 -3.50 -7.43
CA ALA A 202 26.91 -4.74 -7.94
C ALA A 202 26.81 -5.82 -6.88
N LEU A 203 26.49 -7.02 -7.35
CA LEU A 203 26.55 -8.19 -6.52
C LEU A 203 27.94 -8.71 -6.42
N SER A 204 28.20 -9.49 -5.37
CA SER A 204 29.44 -10.26 -5.33
C SER A 204 29.55 -11.09 -6.60
N LYS A 205 30.78 -11.43 -6.97
CA LYS A 205 31.01 -12.27 -8.13
C LYS A 205 30.21 -13.58 -8.01
N GLU A 206 30.18 -14.18 -6.83
CA GLU A 206 29.52 -15.48 -6.65
C GLU A 206 28.00 -15.35 -6.84
N LYS A 207 27.40 -14.34 -6.27
CA LYS A 207 25.97 -14.15 -6.46
C LYS A 207 25.63 -13.76 -7.87
N GLN A 208 26.46 -12.92 -8.49
CA GLN A 208 26.21 -12.56 -9.86
C GLN A 208 26.30 -13.78 -10.77
N ALA A 209 27.26 -14.67 -10.48
CA ALA A 209 27.36 -15.92 -11.23
C ALA A 209 26.09 -16.76 -11.15
N LEU A 210 25.50 -16.84 -9.98
CA LEU A 210 24.25 -17.60 -9.81
C LEU A 210 23.09 -16.91 -10.59
N VAL A 211 23.05 -15.58 -10.52
CA VAL A 211 22.03 -14.82 -11.29
C VAL A 211 22.20 -15.12 -12.78
N ASP A 212 23.41 -15.08 -13.27
CA ASP A 212 23.66 -15.42 -14.67
C ASP A 212 23.12 -16.81 -15.03
N LYS A 213 23.30 -17.78 -14.15
CA LYS A 213 22.93 -19.15 -14.39
C LYS A 213 21.40 -19.27 -14.44
N ILE A 214 20.76 -18.59 -13.50
CA ILE A 214 19.29 -18.49 -13.47
C ILE A 214 18.77 -17.84 -14.75
N MET A 215 19.41 -16.75 -15.18
CA MET A 215 18.95 -16.03 -16.37
C MET A 215 19.00 -16.88 -17.65
N LEU A 216 20.07 -17.66 -17.84
CA LEU A 216 20.13 -18.59 -18.95
C LEU A 216 18.96 -19.58 -18.95
N ARG A 217 18.65 -20.07 -17.78
CA ARG A 217 17.56 -21.02 -17.59
C ARG A 217 16.20 -20.41 -17.86
N VAL A 218 16.04 -19.16 -17.46
CA VAL A 218 14.78 -18.42 -17.71
C VAL A 218 14.55 -18.34 -19.19
N ALA A 219 15.56 -17.99 -19.95
CA ALA A 219 15.44 -17.91 -21.40
C ALA A 219 15.07 -19.26 -22.05
N GLY A 220 15.70 -20.33 -21.58
CA GLY A 220 15.39 -21.65 -22.11
C GLY A 220 13.95 -22.05 -21.77
N VAL A 221 13.52 -21.76 -20.55
CA VAL A 221 12.15 -22.04 -20.08
C VAL A 221 11.10 -21.33 -20.90
N MET A 222 11.33 -20.05 -21.17
CA MET A 222 10.37 -19.29 -21.89
C MET A 222 10.22 -19.78 -23.33
N GLN A 223 11.32 -20.14 -23.97
CA GLN A 223 11.24 -20.72 -25.31
C GLN A 223 10.49 -22.06 -25.29
N ALA A 224 10.78 -22.90 -24.29
CA ALA A 224 10.14 -24.20 -24.19
C ALA A 224 8.64 -24.12 -23.82
N ARG A 225 8.18 -22.97 -23.33
CA ARG A 225 6.77 -22.77 -23.01
C ARG A 225 5.88 -22.19 -24.14
N GLU A 226 6.41 -21.99 -25.34
CA GLU A 226 5.69 -21.26 -26.38
C GLU A 226 4.78 -22.19 -27.20
N THR B 6 -25.96 14.29 -2.23
CA THR B 6 -26.58 14.95 -1.02
C THR B 6 -26.27 14.27 0.31
N ARG B 7 -25.77 13.04 0.25
CA ARG B 7 -25.49 12.29 1.46
C ARG B 7 -24.09 12.57 1.94
N LEU B 8 -23.94 12.72 3.24
CA LEU B 8 -22.63 12.86 3.84
C LEU B 8 -21.84 11.54 3.70
N ARG B 9 -20.58 11.66 3.29
CA ARG B 9 -19.71 10.49 3.14
C ARG B 9 -18.77 10.42 4.33
N ILE B 10 -18.83 9.34 5.10
CA ILE B 10 -17.92 9.16 6.23
C ILE B 10 -17.10 7.91 6.01
N ALA B 11 -15.77 8.07 5.96
CA ALA B 11 -14.89 6.89 5.74
C ALA B 11 -14.41 6.28 7.06
N ILE B 12 -14.50 4.97 7.15
CA ILE B 12 -14.00 4.24 8.31
C ILE B 12 -13.24 3.04 7.84
N GLN B 13 -12.46 2.46 8.76
CA GLN B 13 -11.63 1.32 8.41
C GLN B 13 -12.50 0.10 8.19
N LYS B 14 -12.25 -0.62 7.10
CA LYS B 14 -13.13 -1.77 6.75
C LYS B 14 -12.96 -2.94 7.76
N SER B 15 -11.72 -3.25 8.08
CA SER B 15 -11.46 -4.31 9.05
C SER B 15 -10.09 -4.02 9.63
N GLY B 16 -9.98 -4.16 10.94
CA GLY B 16 -8.73 -3.86 11.60
C GLY B 16 -8.99 -3.23 12.93
N ARG B 17 -7.92 -2.63 13.46
CA ARG B 17 -7.90 -1.98 14.76
C ARG B 17 -9.10 -1.08 15.06
N LEU B 18 -9.43 -0.20 14.14
CA LEU B 18 -10.42 0.83 14.41
C LEU B 18 -11.89 0.50 14.07
N SER B 19 -12.12 -0.57 13.32
CA SER B 19 -13.42 -0.84 12.74
C SER B 19 -14.56 -0.89 13.73
N LYS B 20 -14.41 -1.74 14.72
CA LYS B 20 -15.44 -2.00 15.72
C LYS B 20 -15.83 -0.73 16.47
N GLU B 21 -14.82 0.03 16.90
CA GLU B 21 -15.11 1.17 17.73
C GLU B 21 -15.58 2.37 16.91
N SER B 22 -15.20 2.46 15.63
CA SER B 22 -15.72 3.50 14.77
C SER B 22 -17.23 3.29 14.55
N ILE B 23 -17.63 2.04 14.33
CA ILE B 23 -19.04 1.71 14.12
C ILE B 23 -19.80 1.96 15.39
N GLU B 24 -19.29 1.42 16.51
CA GLU B 24 -19.84 1.72 17.86
C GLU B 24 -20.04 3.21 18.15
N LEU B 25 -19.09 4.04 17.76
CA LEU B 25 -19.17 5.47 18.02
C LEU B 25 -20.28 6.08 17.20
N LEU B 26 -20.30 5.75 15.93
CA LEU B 26 -21.29 6.27 15.01
C LEU B 26 -22.70 5.92 15.50
N SER B 27 -22.89 4.69 15.97
N SER B 27 -22.87 4.67 15.96
CA SER B 27 -24.21 4.26 16.47
CA SER B 27 -24.15 4.19 16.50
C SER B 27 -24.62 5.10 17.66
C SER B 27 -24.59 5.09 17.64
N GLU B 28 -23.70 5.27 18.61
CA GLU B 28 -23.94 6.05 19.78
C GLU B 28 -24.23 7.52 19.46
N CYS B 29 -23.75 7.99 18.32
CA CYS B 29 -24.10 9.30 17.82
C CYS B 29 -25.42 9.39 17.03
N GLY B 30 -26.19 8.31 17.04
CA GLY B 30 -27.50 8.28 16.38
C GLY B 30 -27.49 7.83 14.93
N VAL B 31 -26.34 7.42 14.43
CA VAL B 31 -26.26 6.95 13.05
C VAL B 31 -26.53 5.45 13.01
N LYS B 32 -27.67 5.07 12.43
CA LYS B 32 -28.06 3.68 12.31
C LYS B 32 -27.71 3.15 10.91
N MET B 33 -27.17 1.94 10.88
CA MET B 33 -26.73 1.31 9.63
C MET B 33 -26.53 -0.15 9.90
N HIS B 34 -26.42 -0.92 8.85
CA HIS B 34 -26.14 -2.32 8.96
C HIS B 34 -24.77 -2.54 8.35
N ILE B 35 -23.86 -3.14 9.08
CA ILE B 35 -22.57 -3.47 8.55
C ILE B 35 -22.55 -4.98 8.37
N HIS B 36 -22.56 -5.40 7.12
CA HIS B 36 -22.51 -6.78 6.81
C HIS B 36 -21.14 -7.01 6.17
N GLU B 37 -21.13 -7.33 4.90
CA GLU B 37 -19.88 -7.53 4.19
C GLU B 37 -19.79 -6.61 2.98
N GLN B 38 -20.44 -5.45 3.08
CA GLN B 38 -20.47 -4.55 1.94
C GLN B 38 -19.03 -4.28 1.56
N SER B 39 -18.72 -4.37 0.28
CA SER B 39 -17.34 -4.20 -0.17
C SER B 39 -16.83 -2.79 0.07
N LEU B 40 -17.67 -1.81 -0.21
CA LEU B 40 -17.28 -0.40 -0.13
C LEU B 40 -18.21 0.48 0.69
N ILE B 41 -19.51 0.36 0.44
CA ILE B 41 -20.48 1.31 0.99
C ILE B 41 -21.64 0.68 1.77
N ALA B 42 -21.91 1.27 2.93
CA ALA B 42 -23.05 0.99 3.74
C ALA B 42 -23.88 2.27 3.87
N PHE B 43 -25.21 2.12 3.84
CA PHE B 43 -26.09 3.29 3.76
C PHE B 43 -26.77 3.42 5.10
N SER B 44 -26.66 4.57 5.80
CA SER B 44 -27.42 4.76 7.02
C SER B 44 -28.90 4.72 6.69
N THR B 45 -29.68 4.02 7.51
CA THR B 45 -31.10 3.85 7.28
C THR B 45 -31.97 4.97 7.90
N ASN B 46 -31.37 5.83 8.72
CA ASN B 46 -32.13 6.90 9.39
C ASN B 46 -31.67 8.33 9.12
N LEU B 47 -30.49 8.48 8.52
CA LEU B 47 -29.89 9.77 8.24
C LEU B 47 -29.27 9.76 6.83
N PRO B 48 -29.12 10.97 6.23
CA PRO B 48 -28.55 11.05 4.87
C PRO B 48 -27.02 10.92 4.88
N ILE B 49 -26.53 9.73 5.19
CA ILE B 49 -25.08 9.44 5.43
C ILE B 49 -24.71 8.12 4.78
N ASP B 50 -23.54 8.10 4.16
CA ASP B 50 -22.96 6.88 3.59
C ASP B 50 -21.65 6.60 4.34
N ILE B 51 -21.46 5.34 4.72
CA ILE B 51 -20.25 4.89 5.37
C ILE B 51 -19.43 4.13 4.32
N LEU B 52 -18.23 4.62 4.08
CA LEU B 52 -17.31 4.02 3.16
C LEU B 52 -16.34 3.23 4.03
N ARG B 53 -16.30 1.93 3.76
CA ARG B 53 -15.46 1.02 4.46
C ARG B 53 -14.26 0.73 3.59
N VAL B 54 -13.14 1.26 4.03
CA VAL B 54 -11.92 1.24 3.24
C VAL B 54 -10.68 0.83 4.02
N ARG B 55 -9.63 0.52 3.29
N ARG B 55 -9.63 0.53 3.28
CA ARG B 55 -8.36 0.22 3.92
CA ARG B 55 -8.34 0.25 3.89
C ARG B 55 -7.93 1.46 4.68
C ARG B 55 -7.94 1.49 4.69
N ASP B 56 -7.42 1.30 5.88
CA ASP B 56 -7.09 2.47 6.69
C ASP B 56 -6.17 3.46 5.99
N ASP B 57 -5.16 2.91 5.31
CA ASP B 57 -4.16 3.68 4.64
C ASP B 57 -4.69 4.64 3.57
N ASP B 58 -5.89 4.41 3.07
CA ASP B 58 -6.50 5.26 2.05
C ASP B 58 -7.30 6.43 2.62
N ILE B 59 -7.61 6.40 3.93
CA ILE B 59 -8.51 7.43 4.53
C ILE B 59 -7.95 8.85 4.52
N PRO B 60 -6.68 9.02 4.90
CA PRO B 60 -6.12 10.36 4.83
C PRO B 60 -6.24 10.94 3.44
N GLY B 61 -5.87 10.15 2.42
CA GLY B 61 -5.91 10.63 1.04
C GLY B 61 -7.30 10.95 0.55
N LEU B 62 -8.28 10.16 0.95
CA LEU B 62 -9.67 10.44 0.61
C LEU B 62 -10.14 11.77 1.19
N ILE B 63 -9.70 12.08 2.40
CA ILE B 63 -9.97 13.37 2.95
C ILE B 63 -9.21 14.48 2.21
N PHE B 64 -7.90 14.28 2.01
CA PHE B 64 -7.08 15.29 1.38
C PHE B 64 -7.64 15.66 0.02
N ASP B 65 -8.15 14.66 -0.69
CA ASP B 65 -8.55 14.80 -2.06
C ASP B 65 -10.01 15.17 -2.17
N GLY B 66 -10.64 15.32 -1.01
CA GLY B 66 -12.00 15.84 -0.94
C GLY B 66 -13.01 14.82 -1.44
N VAL B 67 -12.60 13.56 -1.53
CA VAL B 67 -13.50 12.45 -2.01
C VAL B 67 -14.62 12.14 -0.99
N VAL B 68 -14.32 12.24 0.29
CA VAL B 68 -15.28 12.00 1.35
C VAL B 68 -15.25 13.17 2.29
N ASP B 69 -16.27 13.27 3.14
CA ASP B 69 -16.47 14.45 3.97
C ASP B 69 -15.80 14.33 5.30
N LEU B 70 -15.99 13.18 5.93
CA LEU B 70 -15.46 12.88 7.25
C LEU B 70 -14.68 11.57 7.21
N GLY B 71 -13.78 11.39 8.16
CA GLY B 71 -13.05 10.12 8.31
C GLY B 71 -12.61 9.85 9.74
N ILE B 72 -12.56 8.58 10.12
CA ILE B 72 -12.05 8.17 11.41
C ILE B 72 -10.78 7.37 11.14
N ILE B 73 -9.66 7.86 11.67
CA ILE B 73 -8.34 7.35 11.33
C ILE B 73 -7.33 7.62 12.45
N GLY B 74 -6.38 6.71 12.62
CA GLY B 74 -5.30 6.90 13.57
C GLY B 74 -4.33 8.02 13.17
N GLU B 75 -3.87 8.79 14.15
CA GLU B 75 -2.87 9.86 13.94
C GLU B 75 -1.62 9.37 13.17
N ASN B 76 -1.13 8.17 13.49
CA ASN B 76 0.03 7.64 12.79
C ASN B 76 -0.17 7.46 11.25
N VAL B 77 -1.31 6.92 10.86
CA VAL B 77 -1.64 6.68 9.45
C VAL B 77 -1.90 8.03 8.81
N LEU B 78 -2.58 8.93 9.53
CA LEU B 78 -2.81 10.25 9.03
C LEU B 78 -1.51 10.97 8.75
N GLU B 79 -0.59 10.95 9.72
CA GLU B 79 0.67 11.71 9.62
C GLU B 79 1.61 11.06 8.61
N GLU B 80 1.65 9.72 8.54
CA GLU B 80 2.48 9.04 7.55
C GLU B 80 2.11 9.55 6.13
N ASN B 81 0.81 9.54 5.85
CA ASN B 81 0.31 9.94 4.56
C ASN B 81 0.43 11.47 4.31
N GLU B 82 0.23 12.28 5.36
CA GLU B 82 0.42 13.72 5.24
C GLU B 82 1.88 14.00 4.81
N LEU B 83 2.83 13.36 5.49
CA LEU B 83 4.27 13.53 5.20
C LEU B 83 4.60 13.07 3.77
N GLU B 84 4.03 11.93 3.38
CA GLU B 84 4.19 11.47 1.98
C GLU B 84 3.72 12.55 1.00
N ARG B 85 2.53 13.08 1.21
CA ARG B 85 1.98 14.06 0.25
C ARG B 85 2.83 15.34 0.25
N GLN B 86 3.32 15.76 1.41
CA GLN B 86 4.12 16.97 1.48
C GLN B 86 5.41 16.77 0.72
N SER B 87 5.95 15.56 0.81
CA SER B 87 7.22 15.25 0.14
C SER B 87 7.04 15.18 -1.36
N LEU B 88 5.83 14.96 -1.80
CA LEU B 88 5.52 15.05 -3.21
C LEU B 88 5.33 16.51 -3.67
N GLY B 89 5.60 17.47 -2.77
CA GLY B 89 5.34 18.89 -3.02
C GLY B 89 3.88 19.31 -2.91
N GLU B 90 3.00 18.43 -2.43
CA GLU B 90 1.60 18.77 -2.30
C GLU B 90 1.33 19.47 -0.98
N ASN B 91 0.08 19.89 -0.78
CA ASN B 91 -0.32 20.64 0.40
C ASN B 91 -1.51 19.98 1.05
N PRO B 92 -1.36 18.72 1.48
CA PRO B 92 -2.54 18.09 2.04
C PRO B 92 -3.09 18.85 3.24
N SER B 93 -4.39 18.93 3.36
CA SER B 93 -4.97 19.67 4.45
C SER B 93 -6.27 19.00 4.83
N TYR B 94 -6.58 19.14 6.11
CA TYR B 94 -7.74 18.51 6.71
C TYR B 94 -8.10 19.33 7.93
N LYS B 95 -9.37 19.26 8.28
CA LYS B 95 -9.85 19.82 9.54
C LYS B 95 -9.82 18.72 10.62
N LEU B 96 -9.14 19.00 11.73
CA LEU B 96 -9.24 18.12 12.88
C LEU B 96 -10.51 18.47 13.60
N LEU B 97 -11.41 17.50 13.77
CA LEU B 97 -12.63 17.75 14.52
C LEU B 97 -12.55 17.23 15.97
N LYS B 98 -11.98 16.06 16.21
CA LYS B 98 -11.94 15.51 17.57
C LYS B 98 -10.94 14.39 17.71
N LYS B 99 -10.13 14.43 18.77
CA LYS B 99 -9.30 13.29 19.18
C LYS B 99 -10.13 12.34 20.01
N LEU B 100 -10.16 11.08 19.59
CA LEU B 100 -11.04 10.06 20.15
C LEU B 100 -10.43 9.22 21.25
N ASP B 101 -11.26 8.43 21.92
CA ASP B 101 -10.90 7.67 23.10
C ASP B 101 -10.52 6.22 22.79
N PHE B 102 -10.21 5.94 21.52
CA PHE B 102 -9.82 4.61 21.07
C PHE B 102 -8.73 4.66 19.99
N GLY B 103 -8.17 3.51 19.64
CA GLY B 103 -7.11 3.44 18.67
C GLY B 103 -5.74 3.68 19.28
N TYR B 104 -5.61 3.47 20.60
CA TYR B 104 -4.35 3.77 21.28
C TYR B 104 -3.23 2.81 20.92
N CYS B 105 -2.12 3.36 20.45
CA CYS B 105 -0.98 2.56 20.04
C CYS B 105 0.22 3.44 19.89
N ARG B 106 1.39 2.82 19.81
CA ARG B 106 2.61 3.57 19.68
C ARG B 106 3.46 2.94 18.61
N LEU B 107 4.34 3.74 18.01
CA LEU B 107 5.22 3.25 17.00
C LEU B 107 6.58 3.26 17.68
N SER B 108 7.23 2.11 17.73
CA SER B 108 8.44 1.96 18.47
C SER B 108 9.54 1.24 17.72
N LEU B 109 10.76 1.69 17.97
CA LEU B 109 11.95 0.93 17.60
C LEU B 109 12.09 -0.29 18.50
N ALA B 110 12.39 -1.42 17.86
CA ALA B 110 12.58 -2.65 18.59
C ALA B 110 13.72 -3.41 17.98
N LEU B 111 14.35 -4.25 18.82
CA LEU B 111 15.56 -5.01 18.50
C LEU B 111 15.38 -6.47 18.92
N PRO B 112 16.12 -7.36 18.27
CA PRO B 112 16.14 -8.70 18.82
C PRO B 112 16.45 -8.69 20.30
N GLN B 113 15.73 -9.55 21.02
CA GLN B 113 15.96 -9.76 22.44
C GLN B 113 17.42 -9.86 22.87
N GLU B 114 18.25 -10.58 22.12
CA GLU B 114 19.62 -10.85 22.59
C GLU B 114 20.55 -9.63 22.46
N ASN B 115 20.13 -8.59 21.74
CA ASN B 115 20.96 -7.37 21.55
C ASN B 115 21.15 -6.52 22.79
N LYS B 116 22.39 -6.09 23.05
CA LYS B 116 22.68 -5.12 24.12
C LYS B 116 22.40 -3.74 23.57
N PHE B 117 21.43 -3.04 24.15
CA PHE B 117 21.05 -1.68 23.72
C PHE B 117 21.35 -0.68 24.84
N GLN B 118 22.16 0.32 24.52
CA GLN B 118 22.51 1.41 25.44
C GLN B 118 21.79 2.70 25.03
N ASN B 119 21.88 3.03 23.73
CA ASN B 119 21.43 4.32 23.18
C ASN B 119 20.80 4.24 21.82
N LEU B 120 20.07 5.29 21.45
CA LEU B 120 19.59 5.47 20.07
C LEU B 120 20.74 5.39 19.09
N LYS B 121 21.92 5.78 19.55
CA LYS B 121 23.14 5.68 18.76
C LYS B 121 23.40 4.25 18.29
N ASP B 122 22.85 3.26 18.98
CA ASP B 122 23.02 1.87 18.57
C ASP B 122 22.30 1.57 17.26
N PHE B 123 21.40 2.45 16.83
CA PHE B 123 20.67 2.25 15.56
C PHE B 123 21.43 2.78 14.38
N GLU B 124 22.55 3.50 14.63
CA GLU B 124 23.43 3.96 13.58
C GLU B 124 23.82 2.88 12.54
N GLY B 125 23.50 3.12 11.28
CA GLY B 125 23.81 2.23 10.14
C GLY B 125 23.01 0.92 10.09
N LEU B 126 22.04 0.75 10.98
CA LEU B 126 21.19 -0.44 10.94
C LEU B 126 20.13 -0.35 9.84
N ARG B 127 19.78 -1.52 9.29
CA ARG B 127 18.66 -1.67 8.40
C ARG B 127 17.41 -1.84 9.27
N ILE B 128 16.43 -1.00 9.01
CA ILE B 128 15.24 -0.95 9.87
C ILE B 128 14.01 -1.15 9.01
N ALA B 129 13.25 -2.19 9.35
CA ALA B 129 12.01 -2.54 8.63
C ALA B 129 10.82 -1.84 9.26
N THR B 130 9.92 -1.27 8.45
CA THR B 130 8.76 -0.57 8.97
C THR B 130 7.68 -0.44 7.90
N SER B 131 6.44 -0.26 8.32
CA SER B 131 5.37 0.10 7.47
C SER B 131 5.19 1.59 7.43
N TYR B 132 5.95 2.32 8.27
CA TYR B 132 5.84 3.79 8.38
C TYR B 132 7.13 4.46 8.06
N PRO B 133 7.58 4.38 6.79
CA PRO B 133 8.91 4.90 6.44
C PRO B 133 9.09 6.41 6.60
N GLN B 134 8.03 7.19 6.37
CA GLN B 134 8.08 8.64 6.52
C GLN B 134 8.22 9.03 8.01
N LEU B 135 7.42 8.42 8.85
CA LEU B 135 7.45 8.70 10.30
C LEU B 135 8.83 8.31 10.86
N LEU B 136 9.33 7.14 10.46
CA LEU B 136 10.65 6.67 10.86
C LEU B 136 11.76 7.63 10.36
N LYS B 137 11.73 7.94 9.06
CA LYS B 137 12.66 8.88 8.46
C LYS B 137 12.76 10.22 9.22
N ARG B 138 11.61 10.84 9.50
CA ARG B 138 11.58 12.14 10.21
C ARG B 138 12.20 12.01 11.63
N PHE B 139 11.83 10.96 12.37
CA PHE B 139 12.40 10.71 13.70
C PHE B 139 13.91 10.56 13.69
N MET B 140 14.41 9.76 12.76
CA MET B 140 15.82 9.55 12.65
C MET B 140 16.54 10.88 12.27
N LYS B 141 15.99 11.65 11.33
CA LYS B 141 16.58 12.94 10.98
C LYS B 141 16.60 13.86 12.21
N GLU B 142 15.48 13.91 12.95
CA GLU B 142 15.37 14.74 14.15
C GLU B 142 16.45 14.41 15.18
N ASN B 143 16.85 13.14 15.24
CA ASN B 143 17.78 12.65 16.24
C ASN B 143 19.17 12.41 15.68
N GLY B 144 19.38 12.76 14.41
CA GLY B 144 20.72 12.67 13.79
C GLY B 144 21.31 11.29 13.66
N ILE B 145 20.47 10.28 13.42
CA ILE B 145 20.93 8.89 13.31
C ILE B 145 20.74 8.41 11.86
N ASN B 146 21.81 7.89 11.28
CA ASN B 146 21.79 7.42 9.90
C ASN B 146 21.36 5.94 9.90
N TYR B 147 20.59 5.55 8.91
CA TYR B 147 20.14 4.14 8.88
C TYR B 147 19.76 3.80 7.45
N LYS B 148 19.37 2.55 7.22
CA LYS B 148 18.93 2.07 5.89
C LYS B 148 17.49 1.60 6.02
N ASN B 149 16.70 2.01 5.06
CA ASN B 149 15.28 1.69 5.09
C ASN B 149 14.92 0.31 4.54
N CYS B 150 13.84 -0.26 5.09
CA CYS B 150 13.21 -1.46 4.55
C CYS B 150 11.73 -1.27 4.80
N THR B 151 10.97 -1.05 3.73
CA THR B 151 9.55 -0.86 3.83
C THR B 151 8.81 -2.15 3.55
N LEU B 152 8.04 -2.58 4.52
CA LEU B 152 7.24 -3.80 4.42
C LEU B 152 5.88 -3.44 4.96
N THR B 153 4.84 -3.85 4.23
CA THR B 153 3.47 -3.48 4.61
C THR B 153 2.92 -4.42 5.66
N GLY B 154 3.47 -5.62 5.75
CA GLY B 154 3.05 -6.61 6.74
C GLY B 154 4.19 -7.51 7.13
N SER B 155 3.99 -8.31 8.20
CA SER B 155 5.03 -9.20 8.67
C SER B 155 6.34 -8.48 9.00
N VAL B 156 6.23 -7.22 9.44
CA VAL B 156 7.37 -6.42 9.81
C VAL B 156 8.24 -7.11 10.89
N GLU B 157 7.57 -7.70 11.87
N GLU B 157 7.58 -7.73 11.85
CA GLU B 157 8.25 -8.31 13.00
CA GLU B 157 8.26 -8.32 12.98
C GLU B 157 9.07 -9.53 12.61
C GLU B 157 9.07 -9.55 12.61
N VAL B 158 8.87 -10.07 11.40
CA VAL B 158 9.59 -11.22 10.90
C VAL B 158 10.89 -10.83 10.18
N ALA B 159 11.06 -9.52 9.89
CA ALA B 159 12.20 -9.09 9.12
C ALA B 159 13.56 -9.51 9.67
N PRO B 160 13.80 -9.31 10.98
CA PRO B 160 15.07 -9.75 11.53
C PRO B 160 15.32 -11.25 11.41
N ARG B 161 14.32 -12.07 11.69
CA ARG B 161 14.52 -13.51 11.64
C ARG B 161 14.79 -13.92 10.19
N ALA B 162 14.16 -13.22 9.27
CA ALA B 162 14.30 -13.46 7.82
C ALA B 162 15.61 -12.86 7.26
N ASN B 163 16.40 -12.27 8.16
CA ASN B 163 17.65 -11.57 7.86
C ASN B 163 17.51 -10.47 6.85
N LEU B 164 16.39 -9.76 6.89
CA LEU B 164 16.15 -8.60 6.03
C LEU B 164 16.45 -7.27 6.70
N ALA B 165 16.41 -7.25 8.02
CA ALA B 165 16.62 -6.03 8.76
C ALA B 165 17.33 -6.39 10.05
N ASP B 166 18.00 -5.41 10.66
CA ASP B 166 18.60 -5.55 11.99
C ASP B 166 17.62 -5.22 13.11
N ALA B 167 16.60 -4.42 12.77
CA ALA B 167 15.71 -3.82 13.73
C ALA B 167 14.42 -3.49 13.01
N ILE B 168 13.42 -3.10 13.78
CA ILE B 168 12.17 -2.70 13.24
C ILE B 168 11.64 -1.44 13.92
N CYS B 169 10.71 -0.79 13.21
CA CYS B 169 9.91 0.26 13.76
C CYS B 169 8.44 -0.15 13.59
N ASP B 170 7.80 -0.47 14.68
CA ASP B 170 6.61 -1.26 14.64
C ASP B 170 5.53 -0.61 15.46
N LEU B 171 4.31 -0.77 15.01
CA LEU B 171 3.15 -0.28 15.71
C LEU B 171 2.79 -1.29 16.82
N VAL B 172 2.76 -0.84 18.07
CA VAL B 172 2.70 -1.71 19.26
C VAL B 172 1.55 -1.29 20.18
N SER B 173 0.77 -2.24 20.69
CA SER B 173 -0.16 -1.89 21.76
C SER B 173 0.12 -2.58 23.09
N SER B 174 0.10 -3.90 23.09
CA SER B 174 0.22 -4.67 24.31
C SER B 174 1.62 -5.22 24.56
N GLY B 175 2.48 -5.24 23.55
CA GLY B 175 3.73 -5.99 23.63
C GLY B 175 3.66 -7.45 23.16
N ALA B 176 2.46 -7.98 22.95
CA ALA B 176 2.28 -9.43 22.70
C ALA B 176 2.98 -9.92 21.41
N THR B 177 2.84 -9.15 20.33
CA THR B 177 3.45 -9.60 19.08
C THR B 177 4.99 -9.47 19.11
N LEU B 178 5.51 -8.47 19.80
CA LEU B 178 6.95 -8.36 19.97
C LEU B 178 7.50 -9.56 20.73
N GLN B 179 6.85 -9.90 21.83
CA GLN B 179 7.20 -11.09 22.63
C GLN B 179 7.21 -12.35 21.76
N ALA B 180 6.18 -12.51 20.91
CA ALA B 180 6.05 -13.71 20.11
C ALA B 180 7.20 -13.85 19.12
N ASN B 181 7.72 -12.72 18.65
CA ASN B 181 8.85 -12.66 17.71
C ASN B 181 10.19 -12.45 18.40
N ASN B 182 10.22 -12.64 19.73
CA ASN B 182 11.42 -12.48 20.54
C ASN B 182 12.16 -11.14 20.27
N LEU B 183 11.38 -10.08 20.22
CA LEU B 183 11.91 -8.73 20.08
C LEU B 183 11.53 -7.94 21.31
N LYS B 184 12.24 -6.83 21.54
CA LYS B 184 11.99 -6.00 22.72
C LYS B 184 11.88 -4.55 22.25
N GLU B 185 10.89 -3.88 22.79
CA GLU B 185 10.66 -2.46 22.53
C GLU B 185 11.76 -1.68 23.20
N VAL B 186 12.39 -0.80 22.43
CA VAL B 186 13.54 -0.06 22.91
C VAL B 186 13.31 1.45 22.96
N LYS B 187 12.58 1.99 22.00
CA LYS B 187 12.31 3.43 22.01
C LYS B 187 11.02 3.76 21.31
N VAL B 188 10.08 4.37 22.05
CA VAL B 188 8.85 4.90 21.46
C VAL B 188 9.13 6.13 20.60
N ILE B 189 8.70 6.12 19.34
CA ILE B 189 8.90 7.30 18.49
C ILE B 189 7.66 8.12 18.18
N TYR B 190 6.48 7.58 18.47
CA TYR B 190 5.24 8.22 18.13
C TYR B 190 4.14 7.53 18.89
N GLU B 191 3.22 8.33 19.36
CA GLU B 191 2.07 7.86 20.08
C GLU B 191 0.84 8.31 19.34
N SER B 192 -0.11 7.37 19.19
CA SER B 192 -1.23 7.57 18.34
C SER B 192 -2.53 7.18 19.01
N ARG B 193 -3.59 7.87 18.57
CA ARG B 193 -4.95 7.52 18.86
C ARG B 193 -5.79 7.84 17.65
N ALA B 194 -6.99 7.32 17.64
CA ALA B 194 -7.95 7.64 16.59
C ALA B 194 -8.45 9.08 16.63
N CYS B 195 -8.70 9.64 15.44
N CYS B 195 -8.66 9.67 15.46
CA CYS B 195 -9.23 10.99 15.29
CA CYS B 195 -9.22 11.02 15.34
C CYS B 195 -10.34 11.08 14.26
C CYS B 195 -10.29 11.12 14.25
N LEU B 196 -11.20 12.08 14.45
CA LEU B 196 -12.24 12.36 13.50
C LEU B 196 -11.81 13.60 12.74
N ILE B 197 -11.73 13.49 11.43
CA ILE B 197 -11.31 14.61 10.57
C ILE B 197 -12.30 14.89 9.45
N GLN B 198 -12.17 16.08 8.89
CA GLN B 198 -13.05 16.53 7.83
C GLN B 198 -12.22 17.11 6.68
N LYS B 199 -12.75 17.00 5.47
CA LYS B 199 -12.10 17.57 4.31
C LYS B 199 -12.00 19.08 4.48
N GLU B 200 -11.07 19.67 3.76
CA GLU B 200 -10.83 21.09 3.91
C GLU B 200 -11.91 21.98 3.35
N ASN B 201 -12.34 21.69 2.13
CA ASN B 201 -13.23 22.58 1.42
C ASN B 201 -14.62 22.61 2.03
N ALA B 202 -15.26 23.76 1.95
CA ALA B 202 -16.53 23.96 2.62
C ALA B 202 -17.56 22.98 2.12
N LEU B 203 -18.30 22.42 3.06
CA LEU B 203 -19.45 21.58 2.78
C LEU B 203 -20.66 22.47 2.41
N SER B 204 -21.63 21.88 1.74
CA SER B 204 -22.87 22.57 1.41
C SER B 204 -23.58 22.80 2.72
N LYS B 205 -24.56 23.70 2.74
CA LYS B 205 -25.17 24.10 4.01
C LYS B 205 -25.84 22.95 4.76
N GLU B 206 -26.57 22.10 4.05
CA GLU B 206 -27.21 20.93 4.65
C GLU B 206 -26.16 19.97 5.28
N LYS B 207 -25.06 19.71 4.56
CA LYS B 207 -24.02 18.76 5.05
C LYS B 207 -23.32 19.25 6.31
N GLN B 208 -22.91 20.52 6.33
CA GLN B 208 -22.26 21.07 7.51
C GLN B 208 -23.15 21.07 8.75
N ALA B 209 -24.43 21.40 8.55
CA ALA B 209 -25.43 21.31 9.61
C ALA B 209 -25.43 19.90 10.21
N LEU B 210 -25.49 18.88 9.33
CA LEU B 210 -25.47 17.49 9.79
C LEU B 210 -24.17 17.21 10.53
N VAL B 211 -23.04 17.61 9.93
CA VAL B 211 -21.80 17.43 10.64
C VAL B 211 -21.89 18.05 12.04
N ASP B 212 -22.37 19.31 12.11
CA ASP B 212 -22.45 20.00 13.42
C ASP B 212 -23.27 19.17 14.41
N LYS B 213 -24.38 18.59 13.92
CA LYS B 213 -25.26 17.76 14.73
C LYS B 213 -24.52 16.54 15.29
N ILE B 214 -23.79 15.81 14.45
CA ILE B 214 -22.96 14.69 14.95
C ILE B 214 -21.86 15.13 15.90
N MET B 215 -21.20 16.25 15.57
CA MET B 215 -20.16 16.74 16.45
C MET B 215 -20.71 17.07 17.84
N LEU B 216 -21.96 17.57 17.92
CA LEU B 216 -22.61 17.73 19.22
C LEU B 216 -22.67 16.39 19.95
N ARG B 217 -23.08 15.32 19.27
CA ARG B 217 -23.29 14.07 20.00
C ARG B 217 -21.99 13.36 20.29
N VAL B 218 -21.02 13.50 19.38
CA VAL B 218 -19.68 13.01 19.64
C VAL B 218 -19.21 13.59 20.97
N ALA B 219 -19.29 14.91 21.08
CA ALA B 219 -19.01 15.58 22.36
C ALA B 219 -19.85 14.95 23.46
N GLY B 220 -21.15 14.76 23.17
CA GLY B 220 -22.03 14.01 24.06
C GLY B 220 -21.44 12.70 24.56
ZN ZN C . 11.27 -29.05 4.00
C ACT D . 31.80 -17.69 -8.85
O ACT D . 31.74 -18.31 -9.91
OXT ACT D . 31.30 -18.10 -7.78
CH3 ACT D . 32.62 -16.41 -8.84
C ACT E . -2.20 -14.33 -22.72
O ACT E . -2.07 -13.49 -23.60
OXT ACT E . -2.75 -14.07 -21.66
CH3 ACT E . -1.39 -15.57 -22.81
C ACT F . -18.29 11.49 -7.46
O ACT F . -17.37 12.11 -7.98
OXT ACT F . -18.38 11.40 -6.24
CH3 ACT F . -19.43 11.01 -8.32
CL CL G . 13.27 -28.97 4.72
ZN ZN H . -29.01 -5.67 6.88
C ACT I . 0.95 3.33 2.34
O ACT I . 0.17 3.78 1.53
OXT ACT I . 1.30 3.98 3.36
CH3 ACT I . 1.37 1.91 2.13
C ACT J . 20.19 -7.37 7.49
O ACT J . 20.43 -8.27 8.29
OXT ACT J . 20.39 -6.17 7.73
CH3 ACT J . 20.00 -7.75 6.08
#